data_1E5U
#
_entry.id   1E5U
#
_cell.length_a   1.000
_cell.length_b   1.000
_cell.length_c   1.000
_cell.angle_alpha   90.00
_cell.angle_beta   90.00
_cell.angle_gamma   90.00
#
_symmetry.space_group_name_H-M   'P 1'
#
_entity_poly.entity_id   1
_entity_poly.type   'polypeptide(L)'
_entity_poly.pdbx_seq_one_letter_code
;TLTIDDGNIEIVGTGVKGKLPTVWLQYGQVNLKASGGNGKYTWRSANPAIASVDASSGQVTLKEKGTTTISVISSDNQTA
TYTIATPNSLIVPNMSKRVTYNDAVNTCKNFGGKLPSSQNELENVFKAWGAANKYEYYKSSQTIISWVQQTAQDAKSGVA
STYDLVKQNPLNNIKASESNAYATCVK
;
_entity_poly.pdbx_strand_id   I
#
# COMPACT_ATOMS: atom_id res chain seq x y z
N THR A 1 -8.49 2.10 33.01
CA THR A 1 -7.23 2.85 32.74
C THR A 1 -6.66 2.47 31.38
N LEU A 2 -7.25 2.96 30.32
CA LEU A 2 -6.74 2.62 28.96
C LEU A 2 -5.75 3.68 28.49
N THR A 3 -4.57 3.28 28.11
CA THR A 3 -3.57 4.27 27.62
C THR A 3 -2.93 3.75 26.33
N ILE A 4 -3.11 4.47 25.26
CA ILE A 4 -2.55 4.04 23.95
C ILE A 4 -1.51 5.03 23.42
N ASP A 5 -0.45 4.55 22.83
CA ASP A 5 0.60 5.44 22.26
C ASP A 5 0.23 5.80 20.81
N ASP A 6 0.35 7.05 20.45
CA ASP A 6 0.00 7.48 19.06
C ASP A 6 1.19 8.17 18.38
N GLY A 7 2.37 8.03 18.92
CA GLY A 7 3.55 8.69 18.28
C GLY A 7 4.12 7.77 17.20
N ASN A 8 4.04 6.48 17.41
CA ASN A 8 4.56 5.53 16.39
C ASN A 8 3.39 4.75 15.79
N ILE A 9 2.88 5.14 14.66
CA ILE A 9 1.72 4.36 14.14
C ILE A 9 2.17 3.35 13.09
N GLU A 10 1.61 2.17 13.09
CA GLU A 10 2.04 1.18 12.07
C GLU A 10 1.03 1.20 10.94
N ILE A 11 1.47 1.66 9.82
CA ILE A 11 0.58 1.81 8.64
C ILE A 11 0.52 0.57 7.76
N VAL A 12 -0.67 0.28 7.29
CA VAL A 12 -0.90 -0.87 6.36
C VAL A 12 0.32 -1.11 5.50
N GLY A 13 1.21 -0.17 5.44
CA GLY A 13 2.44 -0.30 4.63
C GLY A 13 3.14 -1.61 4.95
N THR A 14 4.42 -1.56 5.10
CA THR A 14 5.19 -2.79 5.41
C THR A 14 5.51 -2.85 6.89
N GLY A 15 4.67 -2.30 7.73
CA GLY A 15 4.94 -2.34 9.19
C GLY A 15 5.82 -1.17 9.59
N VAL A 16 5.59 -0.01 9.04
CA VAL A 16 6.42 1.16 9.42
C VAL A 16 5.66 2.01 10.43
N LYS A 17 6.32 2.47 11.46
CA LYS A 17 5.58 3.28 12.46
C LYS A 17 6.24 4.66 12.63
N GLY A 18 5.53 5.69 12.29
CA GLY A 18 6.07 7.07 12.41
C GLY A 18 4.91 8.05 12.34
N LYS A 19 4.81 8.79 11.27
CA LYS A 19 3.68 9.75 11.11
C LYS A 19 2.71 9.22 10.05
N LEU A 20 1.45 9.49 10.18
CA LEU A 20 0.47 9.00 9.18
C LEU A 20 0.47 9.91 7.95
N PRO A 21 0.87 9.36 6.83
CA PRO A 21 0.93 10.13 5.59
C PRO A 21 -0.42 10.06 4.87
N THR A 22 -0.48 9.48 3.71
CA THR A 22 -1.77 9.42 2.97
C THR A 22 -1.85 8.16 2.09
N VAL A 23 -0.88 7.29 2.17
CA VAL A 23 -0.92 6.06 1.31
C VAL A 23 -0.64 4.78 2.10
N TRP A 24 -1.24 3.69 1.70
CA TRP A 24 -0.99 2.38 2.40
C TRP A 24 0.00 1.57 1.55
N LEU A 25 0.93 0.88 2.17
CA LEU A 25 1.91 0.10 1.36
C LEU A 25 1.81 -1.40 1.68
N GLN A 26 1.16 -2.17 0.82
CA GLN A 26 1.05 -3.67 1.03
C GLN A 26 -0.42 -4.13 1.07
N TYR A 27 -0.66 -5.25 1.70
CA TYR A 27 -2.05 -5.81 1.76
C TYR A 27 -3.04 -4.81 2.36
N GLY A 28 -2.76 -4.32 3.53
CA GLY A 28 -3.71 -3.36 4.17
C GLY A 28 -3.70 -3.60 5.69
N GLN A 29 -2.61 -3.31 6.38
CA GLN A 29 -2.60 -3.56 7.85
C GLN A 29 -1.97 -2.39 8.64
N VAL A 30 -2.56 -1.99 9.73
CA VAL A 30 -1.96 -0.90 10.53
C VAL A 30 -2.00 -1.28 12.00
N ASN A 31 -1.09 -0.77 12.79
CA ASN A 31 -1.11 -1.15 14.23
C ASN A 31 -0.91 0.06 15.14
N LEU A 32 -1.82 0.26 16.06
CA LEU A 32 -1.69 1.41 17.00
C LEU A 32 -1.38 0.88 18.40
N LYS A 33 -0.76 1.67 19.24
CA LYS A 33 -0.46 1.16 20.61
C LYS A 33 -1.53 1.61 21.61
N ALA A 34 -2.33 0.67 22.01
CA ALA A 34 -3.39 0.90 23.05
C ALA A 34 -3.38 -0.28 24.01
N SER A 35 -3.41 -0.04 25.28
CA SER A 35 -3.42 -1.21 26.21
C SER A 35 -4.69 -1.17 27.07
N GLY A 36 -5.21 -2.31 27.40
CA GLY A 36 -6.47 -2.38 28.21
C GLY A 36 -6.37 -1.53 29.48
N GLY A 37 -6.64 -2.12 30.61
CA GLY A 37 -6.60 -1.36 31.89
C GLY A 37 -6.36 -2.32 33.05
N ASN A 38 -7.35 -2.56 33.88
CA ASN A 38 -7.12 -3.50 35.02
C ASN A 38 -7.74 -4.89 34.77
N GLY A 39 -8.90 -4.97 34.18
CA GLY A 39 -9.53 -6.30 33.99
C GLY A 39 -10.11 -6.50 32.58
N LYS A 40 -11.41 -6.37 32.44
CA LYS A 40 -12.06 -6.59 31.12
C LYS A 40 -11.82 -5.44 30.13
N TYR A 41 -11.12 -5.73 29.05
CA TYR A 41 -10.85 -4.70 28.02
C TYR A 41 -11.37 -5.22 26.67
N THR A 42 -11.89 -4.37 25.82
CA THR A 42 -12.40 -4.91 24.52
C THR A 42 -11.66 -4.27 23.34
N TRP A 43 -11.20 -5.06 22.42
CA TRP A 43 -10.47 -4.49 21.24
C TRP A 43 -11.18 -4.86 19.94
N ARG A 44 -11.23 -3.94 19.03
CA ARG A 44 -11.87 -4.26 17.72
C ARG A 44 -11.10 -3.48 16.66
N SER A 45 -10.67 -4.14 15.63
CA SER A 45 -9.90 -3.41 14.59
C SER A 45 -10.38 -3.80 13.20
N ALA A 46 -10.80 -2.83 12.44
CA ALA A 46 -11.31 -3.15 11.07
C ALA A 46 -12.46 -4.15 11.15
N ASN A 47 -12.71 -4.69 12.31
CA ASN A 47 -13.79 -5.70 12.47
C ASN A 47 -13.25 -7.05 12.03
N PRO A 48 -13.57 -8.08 12.77
CA PRO A 48 -13.08 -9.44 12.45
C PRO A 48 -13.65 -9.93 11.13
N ALA A 49 -14.84 -9.53 10.81
CA ALA A 49 -15.45 -9.94 9.52
C ALA A 49 -14.54 -9.55 8.35
N ILE A 50 -13.65 -8.61 8.55
CA ILE A 50 -12.76 -8.20 7.42
C ILE A 50 -11.29 -8.26 7.78
N ALA A 51 -10.93 -7.94 8.97
CA ALA A 51 -9.49 -7.94 9.30
C ALA A 51 -9.16 -8.74 10.56
N SER A 52 -7.93 -9.15 10.69
CA SER A 52 -7.51 -9.88 11.91
C SER A 52 -6.81 -8.88 12.84
N VAL A 53 -7.24 -8.74 14.07
CA VAL A 53 -6.60 -7.72 14.93
C VAL A 53 -5.84 -8.32 16.12
N ASP A 54 -4.80 -7.67 16.55
CA ASP A 54 -4.03 -8.18 17.74
C ASP A 54 -4.60 -7.50 18.99
N ALA A 55 -5.14 -8.27 19.91
CA ALA A 55 -5.75 -7.66 21.13
C ALA A 55 -4.69 -7.17 22.13
N SER A 56 -3.48 -7.68 22.08
CA SER A 56 -2.46 -7.20 23.04
C SER A 56 -1.60 -6.12 22.37
N SER A 57 -2.10 -5.59 21.29
CA SER A 57 -1.38 -4.53 20.53
C SER A 57 -2.34 -4.13 19.42
N GLY A 58 -2.82 -2.93 19.44
CA GLY A 58 -3.78 -2.50 18.40
C GLY A 58 -3.25 -2.85 17.01
N GLN A 59 -3.52 -4.04 16.54
CA GLN A 59 -3.02 -4.41 15.18
C GLN A 59 -4.20 -4.70 14.25
N VAL A 60 -4.43 -3.86 13.27
CA VAL A 60 -5.59 -4.14 12.37
C VAL A 60 -5.10 -4.52 10.98
N THR A 61 -5.64 -5.57 10.41
CA THR A 61 -5.22 -5.96 9.03
C THR A 61 -6.44 -6.05 8.11
N LEU A 62 -6.62 -5.10 7.23
CA LEU A 62 -7.76 -5.19 6.28
C LEU A 62 -7.20 -5.35 4.86
N LYS A 63 -7.95 -5.91 3.95
CA LYS A 63 -7.42 -6.10 2.57
C LYS A 63 -8.54 -6.18 1.53
N GLU A 64 -9.79 -5.99 1.92
CA GLU A 64 -10.88 -6.03 0.88
C GLU A 64 -12.26 -6.10 1.53
N LYS A 65 -13.02 -5.04 1.44
CA LYS A 65 -14.40 -5.05 2.03
C LYS A 65 -15.03 -3.66 1.93
N GLY A 66 -14.36 -2.65 2.42
CA GLY A 66 -14.93 -1.28 2.34
C GLY A 66 -14.28 -0.39 3.41
N THR A 67 -14.92 -0.26 4.55
CA THR A 67 -14.35 0.59 5.63
C THR A 67 -13.77 -0.30 6.73
N THR A 68 -13.03 0.25 7.64
CA THR A 68 -12.46 -0.60 8.73
C THR A 68 -12.93 -0.10 10.10
N THR A 69 -13.38 -0.98 10.94
CA THR A 69 -13.86 -0.53 12.29
C THR A 69 -12.81 -0.85 13.36
N ILE A 70 -12.37 0.14 14.08
CA ILE A 70 -11.37 -0.10 15.17
C ILE A 70 -11.82 0.61 16.44
N SER A 71 -11.98 -0.14 17.49
CA SER A 71 -12.42 0.45 18.78
C SER A 71 -11.54 -0.10 19.91
N VAL A 72 -11.52 0.54 21.04
CA VAL A 72 -10.67 0.02 22.15
C VAL A 72 -11.32 0.30 23.49
N ILE A 73 -11.53 -0.72 24.28
CA ILE A 73 -12.14 -0.54 25.61
C ILE A 73 -11.10 -0.82 26.68
N SER A 74 -11.05 -0.03 27.72
CA SER A 74 -10.03 -0.27 28.78
C SER A 74 -10.43 -1.50 29.60
N SER A 75 -9.48 -2.23 30.09
CA SER A 75 -9.82 -3.44 30.86
C SER A 75 -10.77 -3.08 31.99
N ASP A 76 -10.83 -1.81 32.34
CA ASP A 76 -11.74 -1.39 33.43
C ASP A 76 -13.13 -1.08 32.87
N ASN A 77 -13.31 -1.30 31.58
CA ASN A 77 -14.64 -1.06 30.92
C ASN A 77 -14.75 0.37 30.35
N GLN A 78 -13.67 0.96 29.93
CA GLN A 78 -13.75 2.31 29.30
C GLN A 78 -14.10 2.09 27.81
N THR A 79 -14.44 3.12 27.07
CA THR A 79 -14.82 2.89 25.65
C THR A 79 -14.06 3.81 24.68
N ALA A 80 -13.52 3.24 23.64
CA ALA A 80 -12.80 4.05 22.60
C ALA A 80 -13.28 3.64 21.22
N THR A 81 -13.31 4.55 20.28
CA THR A 81 -13.80 4.18 18.92
C THR A 81 -13.00 4.87 17.81
N TYR A 82 -12.59 4.12 16.82
CA TYR A 82 -11.84 4.68 15.66
C TYR A 82 -12.22 3.89 14.41
N THR A 83 -12.81 4.54 13.45
CA THR A 83 -13.23 3.83 12.21
C THR A 83 -12.61 4.47 10.96
N ILE A 84 -12.14 3.64 10.08
CA ILE A 84 -11.53 4.14 8.81
C ILE A 84 -12.64 4.56 7.85
N ALA A 85 -12.62 5.80 7.40
CA ALA A 85 -13.68 6.26 6.47
C ALA A 85 -13.09 7.11 5.34
N THR A 86 -12.45 8.20 5.70
CA THR A 86 -11.87 9.11 4.66
C THR A 86 -10.43 8.72 4.32
N PRO A 87 -9.58 8.69 5.32
CA PRO A 87 -8.16 8.35 5.09
C PRO A 87 -8.03 6.87 4.68
N ASN A 88 -6.88 6.28 4.88
CA ASN A 88 -6.71 4.85 4.50
C ASN A 88 -6.59 4.73 2.98
N SER A 89 -5.50 5.18 2.45
CA SER A 89 -5.27 5.10 0.98
C SER A 89 -4.60 3.77 0.67
N LEU A 90 -4.80 3.22 -0.50
CA LEU A 90 -4.16 1.90 -0.80
C LEU A 90 -3.58 1.85 -2.21
N ILE A 91 -2.36 1.42 -2.31
CA ILE A 91 -1.69 1.30 -3.64
C ILE A 91 -1.64 -0.18 -4.03
N VAL A 92 -1.99 -0.52 -5.24
CA VAL A 92 -1.97 -1.96 -5.63
C VAL A 92 -1.31 -2.14 -7.00
N PRO A 93 -0.24 -2.89 -7.00
CA PRO A 93 0.46 -3.17 -8.27
C PRO A 93 -0.19 -4.38 -8.94
N ASN A 94 -0.50 -4.32 -10.20
CA ASN A 94 -1.14 -5.52 -10.83
C ASN A 94 -0.26 -6.09 -11.94
N MET A 95 0.43 -7.15 -11.65
CA MET A 95 1.29 -7.78 -12.69
C MET A 95 2.09 -8.92 -12.11
N SER A 96 1.47 -10.03 -11.86
CA SER A 96 2.28 -11.16 -11.34
C SER A 96 3.23 -11.57 -12.48
N LYS A 97 2.84 -11.30 -13.69
CA LYS A 97 3.74 -11.59 -14.85
C LYS A 97 3.91 -10.30 -15.66
N ARG A 98 4.92 -10.17 -16.48
CA ARG A 98 5.08 -8.90 -17.25
C ARG A 98 3.72 -8.49 -17.84
N VAL A 99 3.42 -7.22 -17.92
CA VAL A 99 2.08 -6.83 -18.46
C VAL A 99 2.11 -5.59 -19.34
N THR A 100 1.04 -5.39 -20.06
CA THR A 100 0.88 -4.23 -20.98
C THR A 100 0.02 -3.13 -20.37
N TYR A 101 0.06 -1.98 -20.97
CA TYR A 101 -0.73 -0.82 -20.46
C TYR A 101 -2.24 -1.13 -20.45
N ASN A 102 -2.74 -1.61 -21.55
CA ASN A 102 -4.22 -1.89 -21.66
C ASN A 102 -4.66 -3.09 -20.81
N ASP A 103 -3.94 -4.16 -20.81
CA ASP A 103 -4.37 -5.34 -20.01
C ASP A 103 -4.36 -4.97 -18.52
N ALA A 104 -3.29 -4.36 -18.09
CA ALA A 104 -3.16 -3.95 -16.67
C ALA A 104 -4.13 -2.80 -16.34
N VAL A 105 -4.29 -1.88 -17.25
CA VAL A 105 -5.21 -0.75 -16.98
C VAL A 105 -6.62 -1.27 -16.69
N ASN A 106 -7.08 -2.22 -17.47
CA ASN A 106 -8.45 -2.77 -17.23
C ASN A 106 -8.54 -3.26 -15.79
N THR A 107 -7.54 -3.97 -15.38
CA THR A 107 -7.48 -4.53 -13.99
C THR A 107 -7.19 -3.45 -12.94
N CYS A 108 -6.20 -2.65 -13.16
CA CYS A 108 -5.86 -1.60 -12.15
C CYS A 108 -7.03 -0.62 -11.97
N LYS A 109 -7.48 -0.03 -13.02
CA LYS A 109 -8.60 0.95 -12.88
C LYS A 109 -9.87 0.22 -12.46
N ASN A 110 -9.99 -1.05 -12.78
CA ASN A 110 -11.19 -1.80 -12.36
C ASN A 110 -11.28 -1.72 -10.84
N PHE A 111 -10.17 -1.38 -10.24
CA PHE A 111 -10.10 -1.27 -8.76
C PHE A 111 -10.72 0.06 -8.29
N GLY A 112 -11.09 0.92 -9.21
CA GLY A 112 -11.70 2.21 -8.80
C GLY A 112 -10.60 3.23 -8.49
N GLY A 113 -9.37 2.93 -8.84
CA GLY A 113 -8.26 3.88 -8.57
C GLY A 113 -7.75 4.43 -9.90
N LYS A 114 -6.71 5.22 -9.90
CA LYS A 114 -6.21 5.74 -11.20
C LYS A 114 -4.70 5.54 -11.32
N LEU A 115 -4.15 5.76 -12.48
CA LEU A 115 -2.67 5.57 -12.65
C LEU A 115 -1.91 6.82 -12.23
N PRO A 116 -0.66 6.63 -11.94
CA PRO A 116 0.23 7.75 -11.51
C PRO A 116 0.46 8.73 -12.65
N SER A 117 0.72 9.97 -12.32
CA SER A 117 0.94 11.01 -13.38
C SER A 117 2.27 10.79 -14.13
N SER A 118 3.26 10.20 -13.51
CA SER A 118 4.54 10.00 -14.24
C SER A 118 5.41 8.92 -13.58
N GLN A 119 6.54 8.63 -14.17
CA GLN A 119 7.46 7.59 -13.62
C GLN A 119 7.79 7.87 -12.15
N ASN A 120 8.13 9.09 -11.82
CA ASN A 120 8.43 9.45 -10.41
C ASN A 120 7.27 9.13 -9.48
N GLU A 121 6.06 9.30 -9.91
CA GLU A 121 4.94 9.00 -8.98
C GLU A 121 5.09 7.59 -8.40
N LEU A 122 5.37 6.64 -9.23
CA LEU A 122 5.54 5.24 -8.74
C LEU A 122 6.86 5.09 -7.98
N GLU A 123 7.94 5.52 -8.56
CA GLU A 123 9.26 5.40 -7.86
C GLU A 123 9.20 6.15 -6.53
N ASN A 124 8.68 7.33 -6.53
CA ASN A 124 8.56 8.09 -5.25
C ASN A 124 7.51 7.41 -4.37
N VAL A 125 6.47 6.91 -4.96
CA VAL A 125 5.44 6.22 -4.14
C VAL A 125 6.03 4.93 -3.54
N PHE A 126 6.68 4.16 -4.36
CA PHE A 126 7.34 2.91 -3.87
C PHE A 126 8.51 3.26 -2.95
N LYS A 127 9.36 4.18 -3.33
CA LYS A 127 10.51 4.54 -2.44
C LYS A 127 9.95 4.96 -1.08
N ALA A 128 8.79 5.54 -1.04
CA ALA A 128 8.20 5.92 0.26
C ALA A 128 7.77 4.63 0.99
N TRP A 129 7.49 3.58 0.25
CA TRP A 129 7.08 2.31 0.92
C TRP A 129 8.32 1.56 1.41
N GLY A 130 9.44 1.78 0.77
CA GLY A 130 10.70 1.09 1.20
C GLY A 130 10.86 -0.26 0.49
N ALA A 131 10.06 -0.54 -0.50
CA ALA A 131 10.22 -1.84 -1.22
C ALA A 131 11.04 -1.60 -2.50
N ALA A 132 10.76 -0.54 -3.18
CA ALA A 132 11.51 -0.21 -4.43
C ALA A 132 13.02 -0.22 -4.17
N ASN A 133 13.40 -0.11 -2.93
CA ASN A 133 14.86 -0.09 -2.61
C ASN A 133 15.13 -0.69 -1.23
N LYS A 134 14.75 -1.92 -1.02
CA LYS A 134 15.02 -2.55 0.31
C LYS A 134 16.20 -3.53 0.19
N TYR A 135 16.82 -3.56 -0.96
CA TYR A 135 17.97 -4.49 -1.17
C TYR A 135 17.50 -5.96 -1.10
N GLU A 136 17.40 -6.49 0.08
CA GLU A 136 16.93 -7.89 0.23
C GLU A 136 15.53 -8.03 -0.37
N TYR A 137 14.71 -7.03 -0.21
CA TYR A 137 13.34 -7.13 -0.77
C TYR A 137 13.43 -7.48 -2.25
N TYR A 138 14.54 -7.20 -2.87
CA TYR A 138 14.67 -7.52 -4.31
C TYR A 138 14.36 -9.01 -4.50
N LYS A 139 14.69 -9.81 -3.51
CA LYS A 139 14.41 -11.27 -3.62
C LYS A 139 12.97 -11.51 -4.08
N SER A 140 12.10 -10.55 -3.90
CA SER A 140 10.70 -10.75 -4.37
C SER A 140 10.66 -10.43 -5.87
N SER A 141 11.65 -9.72 -6.31
CA SER A 141 11.75 -9.34 -7.74
C SER A 141 13.08 -8.62 -7.97
N GLN A 142 14.16 -9.35 -7.99
CA GLN A 142 15.50 -8.70 -8.21
C GLN A 142 15.34 -7.42 -9.01
N THR A 143 14.54 -7.44 -10.02
CA THR A 143 14.32 -6.22 -10.85
C THR A 143 12.83 -5.94 -10.96
N ILE A 144 12.38 -4.79 -10.53
CA ILE A 144 10.92 -4.49 -10.65
C ILE A 144 10.75 -3.28 -11.59
N ILE A 145 10.27 -3.56 -12.78
CA ILE A 145 10.09 -2.49 -13.80
C ILE A 145 8.60 -2.17 -14.00
N SER A 146 8.23 -0.91 -13.96
CA SER A 146 6.80 -0.53 -14.14
C SER A 146 6.56 0.16 -15.50
N TRP A 147 5.35 0.13 -16.01
CA TRP A 147 5.06 0.83 -17.30
C TRP A 147 5.02 2.33 -17.06
N VAL A 148 5.66 3.09 -17.90
CA VAL A 148 5.63 4.57 -17.71
C VAL A 148 5.17 5.28 -18.99
N GLN A 149 4.85 6.53 -18.85
CA GLN A 149 4.43 7.33 -20.03
C GLN A 149 5.61 7.40 -21.00
N GLN A 150 5.37 7.43 -22.28
CA GLN A 150 6.54 7.48 -23.22
C GLN A 150 6.96 8.91 -23.47
N THR A 151 8.02 9.12 -24.21
CA THR A 151 8.45 10.50 -24.51
C THR A 151 8.07 10.82 -25.94
N ALA A 152 8.21 12.03 -26.39
CA ALA A 152 7.87 12.31 -27.81
C ALA A 152 8.79 11.48 -28.70
N GLN A 153 10.06 11.46 -28.38
CA GLN A 153 11.05 10.70 -29.19
C GLN A 153 10.88 9.19 -29.07
N ASP A 154 10.78 8.68 -27.88
CA ASP A 154 10.65 7.19 -27.73
C ASP A 154 9.28 6.73 -28.24
N ALA A 155 8.26 7.51 -28.05
CA ALA A 155 6.94 7.08 -28.59
C ALA A 155 7.12 6.74 -30.07
N LYS A 156 7.78 7.60 -30.80
CA LYS A 156 8.04 7.35 -32.24
C LYS A 156 8.88 6.10 -32.40
N SER A 157 9.60 5.76 -31.39
CA SER A 157 10.38 4.52 -31.42
C SER A 157 9.36 3.40 -31.33
N GLY A 158 8.12 3.79 -31.09
CA GLY A 158 7.04 2.78 -30.96
C GLY A 158 7.20 2.13 -29.60
N VAL A 159 7.53 2.92 -28.62
CA VAL A 159 7.76 2.35 -27.24
C VAL A 159 7.25 3.30 -26.15
N ALA A 160 7.19 2.83 -24.92
CA ALA A 160 6.74 3.71 -23.81
C ALA A 160 7.83 3.71 -22.73
N SER A 161 7.80 4.61 -21.78
CA SER A 161 8.91 4.61 -20.77
C SER A 161 8.75 3.44 -19.81
N THR A 162 9.82 2.86 -19.40
CA THR A 162 9.75 1.73 -18.43
C THR A 162 10.49 2.14 -17.18
N TYR A 163 9.98 1.82 -16.04
CA TYR A 163 10.69 2.22 -14.79
C TYR A 163 11.21 0.98 -14.09
N ASP A 164 12.46 0.99 -13.73
CA ASP A 164 13.03 -0.14 -12.98
C ASP A 164 13.57 0.43 -11.68
N LEU A 165 12.95 0.15 -10.59
CA LEU A 165 13.39 0.74 -9.30
C LEU A 165 14.62 0.02 -8.73
N VAL A 166 14.51 -1.24 -8.45
CA VAL A 166 15.64 -1.98 -7.84
C VAL A 166 16.65 -2.48 -8.88
N LYS A 167 16.30 -2.52 -10.13
CA LYS A 167 17.29 -3.07 -11.09
C LYS A 167 18.17 -1.99 -11.74
N GLN A 168 17.78 -0.73 -11.72
CA GLN A 168 18.66 0.30 -12.37
C GLN A 168 17.99 1.68 -12.52
N ASN A 169 16.80 1.86 -12.00
CA ASN A 169 16.08 3.17 -12.16
C ASN A 169 15.12 3.07 -13.36
N PRO A 170 14.60 4.18 -13.82
CA PRO A 170 13.62 4.11 -14.93
C PRO A 170 14.31 3.97 -16.31
N LEU A 171 13.62 3.48 -17.29
CA LEU A 171 14.23 3.33 -18.65
C LEU A 171 13.24 3.83 -19.70
N ASN A 172 13.72 4.14 -20.87
CA ASN A 172 12.80 4.65 -21.93
C ASN A 172 12.77 3.72 -23.14
N ASN A 173 11.62 3.64 -23.76
CA ASN A 173 11.41 2.80 -24.95
C ASN A 173 11.01 1.39 -24.54
N ILE A 174 9.74 1.20 -24.33
CA ILE A 174 9.19 -0.14 -23.97
C ILE A 174 7.70 -0.15 -24.30
N LYS A 175 7.35 -0.97 -25.25
CA LYS A 175 5.94 -1.05 -25.74
C LYS A 175 5.96 -1.90 -27.00
N ALA A 176 7.06 -1.85 -27.72
CA ALA A 176 7.18 -2.70 -28.93
C ALA A 176 6.90 -4.13 -28.52
N SER A 177 7.12 -4.42 -27.26
CA SER A 177 6.87 -5.79 -26.73
C SER A 177 5.37 -6.01 -26.52
N GLU A 178 4.76 -5.15 -25.73
CA GLU A 178 3.29 -5.25 -25.44
C GLU A 178 3.03 -5.77 -24.01
N SER A 179 3.86 -5.40 -23.07
CA SER A 179 3.65 -5.83 -21.64
C SER A 179 5.01 -5.92 -20.94
N ASN A 180 5.71 -4.83 -20.82
CA ASN A 180 7.08 -4.90 -20.25
C ASN A 180 7.18 -4.50 -18.78
N ALA A 181 6.10 -4.20 -18.13
CA ALA A 181 6.25 -3.85 -16.69
C ALA A 181 4.96 -4.18 -15.94
N TYR A 182 4.02 -3.27 -15.92
CA TYR A 182 2.73 -3.54 -15.21
C TYR A 182 1.97 -2.25 -14.87
N ALA A 183 0.80 -2.42 -14.30
CA ALA A 183 -0.02 -1.23 -13.93
C ALA A 183 0.02 -0.97 -12.42
N THR A 184 -0.12 0.25 -12.00
CA THR A 184 -0.10 0.55 -10.54
C THR A 184 -1.42 1.19 -10.16
N CYS A 185 -2.02 0.79 -9.06
CA CYS A 185 -3.32 1.40 -8.66
C CYS A 185 -3.13 2.22 -7.39
N VAL A 186 -3.45 3.48 -7.44
CA VAL A 186 -3.28 4.34 -6.24
C VAL A 186 -4.65 4.85 -5.78
N LYS A 187 -4.93 4.75 -4.50
CA LYS A 187 -6.26 5.23 -4.01
C LYS A 187 -7.38 4.38 -4.61
#